data_8CAG
#
_entry.id   8CAG
#
_cell.length_a   84.650
_cell.length_b   84.650
_cell.length_c   167.242
_cell.angle_alpha   90.00
_cell.angle_beta   90.00
_cell.angle_gamma   120.00
#
_symmetry.space_group_name_H-M   'P 31 2 1'
#
loop_
_entity.id
_entity.type
_entity.pdbx_description
1 polymer 'Hypoxanthine phosphoribosyltransferase'
2 non-polymer 'MAGNESIUM ION'
3 water water
#
_entity_poly.entity_id   1
_entity_poly.type   'polypeptide(L)'
_entity_poly.pdbx_seq_one_letter_code
;MKHTVEVMIPEAEIKARIAELGRQITERYKDSGSDMVLVGLLRGSFMFMADLCREVQVSHEVDFMTASSYGSGMSTTRDV
KILKDLDEDIRGKDVLIVEDIIDSGNTLSKVREILSLREPKSLAICTLLDKPSRREVNVPVEFIGFSIPDEFVVGYGIDY
AQRYRHLPYIGKVILL
;
_entity_poly.pdbx_strand_id   A,B
#
loop_
_chem_comp.id
_chem_comp.type
_chem_comp.name
_chem_comp.formula
MG non-polymer 'MAGNESIUM ION' 'Mg 2'
#
# COMPACT_ATOMS: atom_id res chain seq x y z
N MET A 1 7.14 22.94 -12.07
CA MET A 1 8.23 23.87 -11.70
C MET A 1 9.59 23.14 -11.78
N LYS A 2 10.54 23.67 -12.58
CA LYS A 2 11.94 23.17 -12.70
C LYS A 2 12.52 22.92 -11.30
N HIS A 3 13.23 21.80 -11.12
CA HIS A 3 13.65 21.29 -9.79
C HIS A 3 14.58 20.07 -9.89
N THR A 4 15.17 19.71 -8.74
CA THR A 4 15.97 18.49 -8.49
C THR A 4 15.51 17.86 -7.16
N VAL A 5 15.81 16.59 -6.94
CA VAL A 5 15.56 15.89 -5.65
C VAL A 5 16.91 15.44 -5.08
N GLU A 6 17.20 15.75 -3.82
CA GLU A 6 18.37 15.26 -3.06
C GLU A 6 17.89 14.21 -2.06
N VAL A 7 18.71 13.23 -1.69
CA VAL A 7 18.38 12.29 -0.59
C VAL A 7 18.47 13.05 0.76
N MET A 8 17.50 12.84 1.67
CA MET A 8 17.43 13.39 3.04
C MET A 8 17.40 12.23 4.06
N ILE A 9 16.47 11.26 3.94
CA ILE A 9 16.44 10.03 4.80
C ILE A 9 16.64 8.82 3.90
N PRO A 10 17.87 8.28 3.83
CA PRO A 10 18.17 7.13 2.99
C PRO A 10 17.31 5.93 3.37
N GLU A 11 17.19 5.05 2.39
CA GLU A 11 16.38 3.82 2.41
C GLU A 11 16.72 3.06 3.67
N ALA A 12 18.01 2.85 3.95
CA ALA A 12 18.47 1.99 5.07
C ALA A 12 18.13 2.64 6.42
N GLU A 13 18.01 3.97 6.52
CA GLU A 13 17.68 4.61 7.83
CA GLU A 13 17.68 4.66 7.79
C GLU A 13 16.16 4.52 8.03
N ILE A 14 15.36 4.55 6.97
CA ILE A 14 13.89 4.29 7.09
C ILE A 14 13.69 2.87 7.63
N LYS A 15 14.45 1.90 7.11
CA LYS A 15 14.31 0.47 7.48
C LYS A 15 14.64 0.26 8.96
N ALA A 16 15.85 0.67 9.39
CA ALA A 16 16.29 0.70 10.80
C ALA A 16 15.19 1.33 11.68
N ARG A 17 14.61 2.45 11.26
CA ARG A 17 13.59 3.16 12.07
C ARG A 17 12.30 2.34 12.13
N ILE A 18 11.89 1.75 11.00
CA ILE A 18 10.61 0.99 10.93
C ILE A 18 10.75 -0.22 11.84
N ALA A 19 11.92 -0.89 11.79
CA ALA A 19 12.22 -2.05 12.67
C ALA A 19 12.04 -1.65 14.15
N GLU A 20 12.44 -0.45 14.56
CA GLU A 20 12.30 0.03 15.96
C GLU A 20 10.83 0.39 16.26
N LEU A 21 10.13 1.09 15.36
CA LEU A 21 8.65 1.29 15.49
C LEU A 21 7.91 -0.06 15.67
N GLY A 22 8.31 -1.11 14.96
CA GLY A 22 7.66 -2.44 15.12
C GLY A 22 7.89 -3.08 16.49
N ARG A 23 9.12 -3.01 17.02
CA ARG A 23 9.41 -3.49 18.41
C ARG A 23 8.53 -2.69 19.36
N GLN A 24 8.47 -1.36 19.21
CA GLN A 24 7.66 -0.47 20.10
C GLN A 24 6.20 -0.92 20.02
N ILE A 25 5.66 -1.11 18.81
CA ILE A 25 4.21 -1.43 18.57
C ILE A 25 3.92 -2.84 19.11
N THR A 26 4.79 -3.80 18.82
CA THR A 26 4.67 -5.18 19.37
C THR A 26 4.57 -5.11 20.90
N GLU A 27 5.46 -4.35 21.53
CA GLU A 27 5.58 -4.23 23.00
C GLU A 27 4.24 -3.76 23.55
N ARG A 28 3.66 -2.71 22.97
N ARG A 28 3.65 -2.70 22.98
CA ARG A 28 2.46 -2.04 23.51
CA ARG A 28 2.44 -2.05 23.57
C ARG A 28 1.23 -2.94 23.39
C ARG A 28 1.23 -2.99 23.44
N TYR A 29 1.21 -3.88 22.43
CA TYR A 29 -0.02 -4.61 22.02
C TYR A 29 0.09 -6.15 22.17
N LYS A 30 1.27 -6.73 22.41
CA LYS A 30 1.45 -8.22 22.45
C LYS A 30 0.52 -8.87 23.50
N ASP A 31 0.30 -8.23 24.66
CA ASP A 31 -0.40 -8.81 25.84
C ASP A 31 -1.87 -8.38 25.88
N SER A 32 -2.35 -7.70 24.84
CA SER A 32 -3.73 -7.15 24.77
C SER A 32 -4.73 -8.32 24.71
N GLY A 33 -4.56 -9.22 23.74
CA GLY A 33 -5.43 -10.40 23.53
C GLY A 33 -6.79 -10.02 22.96
N SER A 34 -6.88 -8.87 22.28
CA SER A 34 -7.99 -8.50 21.37
C SER A 34 -7.49 -8.53 19.92
N ASP A 35 -8.42 -8.59 18.97
CA ASP A 35 -8.15 -8.34 17.53
C ASP A 35 -7.45 -6.96 17.42
N MET A 36 -6.50 -6.85 16.50
CA MET A 36 -5.77 -5.58 16.22
C MET A 36 -5.96 -5.31 14.74
N VAL A 37 -6.02 -4.04 14.35
CA VAL A 37 -6.03 -3.70 12.88
C VAL A 37 -5.19 -2.45 12.65
N LEU A 38 -4.39 -2.48 11.59
CA LEU A 38 -3.60 -1.33 11.09
C LEU A 38 -4.41 -0.69 9.95
N VAL A 39 -4.73 0.60 10.10
CA VAL A 39 -5.62 1.37 9.18
C VAL A 39 -4.76 2.42 8.51
N GLY A 40 -4.38 2.17 7.25
CA GLY A 40 -3.58 3.12 6.48
C GLY A 40 -4.48 4.11 5.80
N LEU A 41 -4.04 5.35 5.72
CA LEU A 41 -4.75 6.37 4.92
C LEU A 41 -4.10 6.43 3.53
N LEU A 42 -4.88 6.15 2.49
CA LEU A 42 -4.40 6.17 1.09
C LEU A 42 -4.46 7.62 0.60
N ARG A 43 -3.62 7.95 -0.39
CA ARG A 43 -2.68 7.01 -0.97
C ARG A 43 -1.35 7.04 -0.18
N GLY A 44 -1.19 8.05 0.68
CA GLY A 44 0.11 8.39 1.28
C GLY A 44 0.78 7.23 2.00
N SER A 45 0.03 6.34 2.64
CA SER A 45 0.54 5.40 3.66
C SER A 45 0.92 4.03 3.08
N PHE A 46 0.76 3.81 1.77
CA PHE A 46 0.71 2.43 1.22
C PHE A 46 2.04 1.72 1.49
N MET A 47 3.14 2.37 1.18
CA MET A 47 4.49 1.75 1.25
C MET A 47 4.97 1.68 2.70
N PHE A 48 4.73 2.72 3.52
CA PHE A 48 4.99 2.70 4.98
C PHE A 48 4.21 1.55 5.63
N MET A 49 2.93 1.39 5.32
CA MET A 49 2.11 0.26 5.84
C MET A 49 2.73 -1.10 5.47
N ALA A 50 3.10 -1.30 4.21
CA ALA A 50 3.78 -2.52 3.72
C ALA A 50 4.93 -2.87 4.68
N ASP A 51 5.86 -1.93 4.91
CA ASP A 51 7.11 -2.19 5.68
C ASP A 51 6.77 -2.31 7.17
N LEU A 52 5.95 -1.41 7.70
CA LEU A 52 5.60 -1.39 9.15
C LEU A 52 4.97 -2.73 9.53
N CYS A 53 3.94 -3.18 8.77
CA CYS A 53 3.09 -4.31 9.22
C CYS A 53 3.94 -5.57 9.31
N ARG A 54 4.95 -5.69 8.45
CA ARG A 54 5.90 -6.84 8.41
C ARG A 54 6.82 -6.83 9.65
N GLU A 55 6.96 -5.68 10.33
CA GLU A 55 7.80 -5.51 11.55
C GLU A 55 6.93 -5.58 12.82
N VAL A 56 5.61 -5.76 12.69
CA VAL A 56 4.68 -5.91 13.85
C VAL A 56 4.42 -7.41 14.12
N GLN A 57 4.92 -7.94 15.24
CA GLN A 57 4.88 -9.40 15.58
C GLN A 57 3.65 -9.70 16.42
N VAL A 58 2.50 -9.16 16.02
CA VAL A 58 1.16 -9.44 16.60
C VAL A 58 0.22 -9.70 15.43
N SER A 59 -0.63 -10.71 15.52
CA SER A 59 -1.66 -10.98 14.49
C SER A 59 -2.54 -9.75 14.40
N HIS A 60 -2.64 -9.14 13.22
CA HIS A 60 -3.49 -7.96 12.98
C HIS A 60 -4.15 -8.11 11.62
N GLU A 61 -5.30 -7.50 11.42
CA GLU A 61 -5.88 -7.19 10.09
C GLU A 61 -5.11 -5.98 9.55
N VAL A 62 -5.08 -5.83 8.22
CA VAL A 62 -4.64 -4.59 7.53
C VAL A 62 -5.79 -4.07 6.67
N ASP A 63 -6.18 -2.82 6.87
CA ASP A 63 -7.32 -2.15 6.22
C ASP A 63 -6.84 -0.77 5.82
N PHE A 64 -7.58 -0.13 4.91
CA PHE A 64 -7.31 1.24 4.44
C PHE A 64 -8.61 2.06 4.36
N MET A 65 -8.43 3.38 4.43
CA MET A 65 -9.46 4.43 4.23
C MET A 65 -8.88 5.46 3.28
N THR A 66 -9.71 6.09 2.46
CA THR A 66 -9.34 7.35 1.77
C THR A 66 -10.22 8.45 2.37
N ALA A 67 -9.60 9.45 3.02
CA ALA A 67 -10.25 10.69 3.52
C ALA A 67 -10.03 11.81 2.49
N SER A 68 -10.84 12.87 2.50
CA SER A 68 -10.74 13.94 1.46
C SER A 68 -9.34 14.55 1.53
N SER A 69 -8.64 14.51 0.40
CA SER A 69 -7.22 14.94 0.19
C SER A 69 -7.19 16.32 -0.47
N TYR A 70 -8.35 17.00 -0.55
CA TYR A 70 -8.54 18.39 -1.05
C TYR A 70 -7.22 19.17 -1.02
N GLY A 71 -6.44 19.03 0.07
CA GLY A 71 -5.05 19.51 0.18
C GLY A 71 -4.86 20.49 1.33
N SER A 72 -3.79 21.30 1.25
CA SER A 72 -3.34 22.29 2.25
C SER A 72 -3.51 23.71 1.68
N THR A 77 -10.21 24.09 5.20
CA THR A 77 -11.46 24.68 5.75
C THR A 77 -12.71 23.99 5.17
N ARG A 78 -12.56 22.97 4.31
CA ARG A 78 -13.67 22.09 3.83
C ARG A 78 -13.82 20.91 4.80
N ASP A 79 -14.88 20.11 4.65
CA ASP A 79 -15.12 18.94 5.54
C ASP A 79 -14.20 17.79 5.11
N VAL A 80 -13.84 16.95 6.07
CA VAL A 80 -13.14 15.66 5.87
C VAL A 80 -14.19 14.60 5.55
N LYS A 81 -14.14 14.08 4.33
CA LYS A 81 -15.14 13.18 3.77
C LYS A 81 -14.48 11.82 3.48
N ILE A 82 -15.16 10.76 3.85
CA ILE A 82 -14.68 9.39 3.57
C ILE A 82 -14.97 9.09 2.11
N LEU A 83 -13.96 9.07 1.23
CA LEU A 83 -14.10 8.67 -0.21
C LEU A 83 -14.26 7.15 -0.26
N LYS A 84 -13.62 6.45 0.69
CA LYS A 84 -13.57 4.98 0.78
C LYS A 84 -13.43 4.62 2.26
N ASP A 85 -14.44 4.02 2.86
CA ASP A 85 -14.40 3.55 4.26
C ASP A 85 -13.64 2.20 4.33
N LEU A 86 -13.29 1.81 5.55
CA LEU A 86 -12.81 0.45 5.94
C LEU A 86 -13.73 -0.58 5.31
N ASP A 87 -13.21 -1.78 5.01
CA ASP A 87 -13.99 -2.99 4.64
C ASP A 87 -14.34 -3.83 5.86
N GLU A 88 -13.67 -3.66 7.01
CA GLU A 88 -13.87 -4.53 8.22
C GLU A 88 -14.21 -3.69 9.47
N ASP A 89 -14.93 -4.30 10.43
CA ASP A 89 -15.37 -3.65 11.70
C ASP A 89 -14.18 -3.44 12.62
N ILE A 90 -14.22 -2.39 13.45
CA ILE A 90 -13.15 -2.09 14.44
C ILE A 90 -13.67 -2.09 15.88
N ARG A 91 -14.99 -2.07 16.13
CA ARG A 91 -15.55 -2.16 17.49
C ARG A 91 -14.83 -3.26 18.27
N GLY A 92 -14.26 -2.97 19.45
CA GLY A 92 -13.67 -3.97 20.37
C GLY A 92 -12.24 -4.34 20.00
N LYS A 93 -11.64 -3.58 19.09
CA LYS A 93 -10.32 -3.89 18.52
C LYS A 93 -9.33 -2.80 18.88
N ASP A 94 -8.06 -3.19 18.95
CA ASP A 94 -6.90 -2.26 18.87
C ASP A 94 -6.70 -1.78 17.42
N VAL A 95 -6.76 -0.47 17.22
CA VAL A 95 -6.66 0.19 15.90
C VAL A 95 -5.47 1.12 15.99
N LEU A 96 -4.50 0.91 15.11
CA LEU A 96 -3.37 1.81 14.84
C LEU A 96 -3.57 2.43 13.45
N ILE A 97 -3.85 3.73 13.40
CA ILE A 97 -3.91 4.55 12.15
C ILE A 97 -2.47 4.69 11.71
N VAL A 98 -2.19 4.49 10.42
CA VAL A 98 -0.81 4.54 9.85
C VAL A 98 -0.84 5.64 8.78
N GLU A 99 0.02 6.66 8.96
CA GLU A 99 0.09 7.83 8.06
C GLU A 99 1.54 7.97 7.63
N ASP A 100 1.80 8.66 6.53
CA ASP A 100 3.19 8.95 6.06
C ASP A 100 3.72 10.19 6.81
N ILE A 101 2.92 11.24 6.93
CA ILE A 101 3.28 12.55 7.55
C ILE A 101 2.09 13.05 8.37
N ILE A 102 2.35 13.62 9.54
CA ILE A 102 1.45 14.61 10.21
C ILE A 102 2.11 15.98 10.04
N ASP A 103 1.39 16.95 9.44
CA ASP A 103 1.79 18.38 9.40
C ASP A 103 0.73 19.18 10.19
N SER A 104 -0.35 19.62 9.54
CA SER A 104 -1.44 20.43 10.17
C SER A 104 -2.20 19.60 11.22
N GLY A 105 -2.36 18.28 10.99
CA GLY A 105 -3.18 17.39 11.83
C GLY A 105 -4.70 17.43 11.54
N ASN A 106 -5.17 18.21 10.57
CA ASN A 106 -6.62 18.43 10.34
C ASN A 106 -7.24 17.06 10.02
N THR A 107 -6.71 16.33 9.03
CA THR A 107 -7.29 15.07 8.48
C THR A 107 -7.25 13.96 9.56
N LEU A 108 -6.05 13.73 10.07
CA LEU A 108 -5.75 12.69 11.07
C LEU A 108 -6.65 12.86 12.29
N SER A 109 -6.84 14.12 12.71
CA SER A 109 -7.74 14.51 13.82
C SER A 109 -9.19 14.08 13.51
N LYS A 110 -9.66 14.36 12.30
CA LYS A 110 -11.06 14.08 11.91
C LYS A 110 -11.22 12.57 11.69
N VAL A 111 -10.19 11.90 11.13
CA VAL A 111 -10.20 10.41 10.96
C VAL A 111 -10.28 9.74 12.34
N ARG A 112 -9.52 10.25 13.31
CA ARG A 112 -9.56 9.71 14.70
C ARG A 112 -10.97 9.83 15.29
N GLU A 113 -11.58 11.00 15.30
CA GLU A 113 -12.99 11.23 15.76
C GLU A 113 -13.95 10.20 15.12
N ILE A 114 -13.91 10.00 13.78
CA ILE A 114 -14.89 9.14 13.04
C ILE A 114 -14.75 7.70 13.53
N LEU A 115 -13.53 7.15 13.50
CA LEU A 115 -13.24 5.75 13.95
C LEU A 115 -13.53 5.64 15.46
N SER A 116 -13.35 6.72 16.21
CA SER A 116 -13.60 6.73 17.68
C SER A 116 -15.05 6.29 17.94
N LEU A 117 -16.01 6.81 17.17
CA LEU A 117 -17.48 6.55 17.27
C LEU A 117 -17.78 5.06 17.05
N ARG A 118 -16.81 4.28 16.58
CA ARG A 118 -17.01 2.84 16.27
C ARG A 118 -16.62 2.01 17.49
N GLU A 119 -16.05 2.67 18.51
CA GLU A 119 -15.76 2.10 19.85
C GLU A 119 -14.73 1.00 19.68
N PRO A 120 -13.56 1.32 19.09
CA PRO A 120 -12.46 0.38 19.11
C PRO A 120 -12.12 0.21 20.62
N LYS A 121 -11.35 -0.80 20.98
CA LYS A 121 -10.83 -1.01 22.35
C LYS A 121 -9.88 0.14 22.65
N SER A 122 -9.07 0.49 21.65
CA SER A 122 -8.04 1.55 21.71
C SER A 122 -7.83 2.09 20.31
N LEU A 123 -7.33 3.31 20.22
CA LEU A 123 -7.07 4.05 18.98
C LEU A 123 -5.78 4.86 19.16
N ALA A 124 -4.92 4.84 18.15
CA ALA A 124 -3.52 5.30 18.22
C ALA A 124 -3.05 5.55 16.79
N ILE A 125 -2.13 6.47 16.63
CA ILE A 125 -1.60 6.93 15.32
C ILE A 125 -0.11 6.58 15.29
N CYS A 126 0.31 5.93 14.21
CA CYS A 126 1.72 5.82 13.81
C CYS A 126 1.95 6.58 12.49
N THR A 127 2.80 7.61 12.51
CA THR A 127 3.24 8.34 11.31
C THR A 127 4.73 8.08 11.13
N LEU A 128 5.22 8.11 9.90
CA LEU A 128 6.64 7.97 9.59
C LEU A 128 7.34 9.31 9.87
N LEU A 129 6.74 10.38 9.41
CA LEU A 129 7.27 11.76 9.46
C LEU A 129 6.32 12.60 10.30
N ASP A 130 6.88 13.48 11.13
CA ASP A 130 6.10 14.47 11.91
C ASP A 130 6.73 15.82 11.67
N LYS A 131 5.96 16.80 11.20
CA LYS A 131 6.34 18.24 11.21
C LYS A 131 5.59 18.92 12.34
N PRO A 132 6.16 18.96 13.57
CA PRO A 132 5.47 19.61 14.70
C PRO A 132 5.18 21.09 14.45
N SER A 133 6.03 21.77 13.66
CA SER A 133 5.93 23.23 13.41
C SER A 133 4.67 23.57 12.64
N ARG A 134 4.12 22.60 11.91
CA ARG A 134 2.98 22.81 10.98
C ARG A 134 1.67 22.51 11.71
N ARG A 135 1.71 22.02 12.97
CA ARG A 135 0.48 21.64 13.72
C ARG A 135 -0.50 22.83 13.81
N GLU A 136 -1.75 22.64 13.37
CA GLU A 136 -2.85 23.63 13.49
C GLU A 136 -3.89 23.10 14.47
N VAL A 137 -3.87 21.81 14.79
CA VAL A 137 -4.89 21.11 15.64
C VAL A 137 -4.15 20.05 16.45
N ASN A 138 -4.33 20.00 17.76
CA ASN A 138 -3.62 19.00 18.59
C ASN A 138 -4.27 17.63 18.31
N VAL A 139 -3.46 16.63 18.02
CA VAL A 139 -3.88 15.21 17.98
C VAL A 139 -2.73 14.40 18.60
N PRO A 140 -3.03 13.44 19.50
CA PRO A 140 -1.99 12.60 20.08
C PRO A 140 -1.48 11.62 19.02
N VAL A 141 -0.16 11.51 18.94
CA VAL A 141 0.58 10.65 17.98
C VAL A 141 1.65 9.84 18.74
N GLU A 142 1.29 8.60 19.07
CA GLU A 142 2.04 7.63 19.90
C GLU A 142 3.38 7.22 19.24
N PHE A 143 3.43 7.02 17.91
CA PHE A 143 4.61 6.46 17.21
C PHE A 143 5.03 7.31 16.00
N ILE A 144 6.26 7.84 16.02
CA ILE A 144 6.81 8.80 15.00
C ILE A 144 8.16 8.28 14.48
N GLY A 145 8.29 8.12 13.16
CA GLY A 145 9.55 7.63 12.61
C GLY A 145 10.61 8.69 12.81
N PHE A 146 10.39 9.85 12.20
CA PHE A 146 11.30 11.01 12.18
C PHE A 146 10.51 12.30 12.44
N SER A 147 11.08 13.19 13.27
CA SER A 147 10.64 14.60 13.45
C SER A 147 11.57 15.46 12.60
N ILE A 148 10.97 16.24 11.73
CA ILE A 148 11.70 17.00 10.69
C ILE A 148 11.18 18.44 10.72
N PRO A 149 11.98 19.42 10.26
CA PRO A 149 11.45 20.75 9.95
C PRO A 149 10.50 20.70 8.74
N ASP A 150 9.93 21.86 8.39
CA ASP A 150 9.00 22.08 7.23
C ASP A 150 9.81 21.99 5.92
N GLU A 151 10.64 20.97 5.76
CA GLU A 151 11.33 20.77 4.46
C GLU A 151 10.30 20.30 3.43
N PHE A 152 10.53 20.62 2.16
CA PHE A 152 9.76 20.13 1.00
C PHE A 152 10.20 18.69 0.73
N VAL A 153 9.48 17.70 1.28
CA VAL A 153 9.84 16.26 1.23
C VAL A 153 8.99 15.49 0.23
N VAL A 154 9.53 14.41 -0.32
CA VAL A 154 8.87 13.46 -1.29
C VAL A 154 9.40 12.06 -1.04
N GLY A 155 8.80 11.07 -1.72
CA GLY A 155 9.26 9.67 -1.71
C GLY A 155 8.52 8.87 -0.68
N TYR A 156 8.68 7.54 -0.71
CA TYR A 156 8.06 6.65 0.30
C TYR A 156 6.57 7.03 0.51
N GLY A 157 5.87 7.36 -0.58
CA GLY A 157 4.42 7.56 -0.60
C GLY A 157 4.02 9.02 -0.81
N ILE A 158 4.95 9.95 -0.55
CA ILE A 158 4.75 11.41 -0.62
C ILE A 158 5.04 11.79 -2.06
N ASP A 159 4.03 12.36 -2.76
CA ASP A 159 4.11 12.85 -4.16
C ASP A 159 4.54 14.31 -4.19
N TYR A 160 5.21 14.75 -5.26
CA TYR A 160 5.24 16.15 -5.73
C TYR A 160 4.62 16.20 -7.13
N ALA A 161 3.35 16.63 -7.22
CA ALA A 161 2.57 16.71 -8.46
C ALA A 161 2.49 15.31 -9.05
N GLN A 162 1.94 14.39 -8.25
CA GLN A 162 1.70 12.94 -8.56
C GLN A 162 3.00 12.24 -9.04
N ARG A 163 4.18 12.75 -8.68
CA ARG A 163 5.52 12.17 -8.99
C ARG A 163 6.24 11.77 -7.69
N TYR A 164 7.26 10.91 -7.80
CA TYR A 164 8.23 10.47 -6.74
C TYR A 164 7.60 9.60 -5.64
N ARG A 165 6.35 9.14 -5.72
CA ARG A 165 5.72 8.31 -4.65
C ARG A 165 6.45 6.96 -4.45
N HIS A 166 7.09 6.44 -5.51
CA HIS A 166 7.83 5.15 -5.57
C HIS A 166 9.29 5.26 -5.06
N LEU A 167 9.84 6.46 -4.80
CA LEU A 167 11.23 6.62 -4.31
C LEU A 167 11.32 5.81 -3.03
N PRO A 168 12.35 4.95 -2.84
CA PRO A 168 12.50 4.15 -1.61
C PRO A 168 13.12 4.89 -0.42
N TYR A 169 13.39 6.18 -0.58
CA TYR A 169 13.99 7.08 0.43
C TYR A 169 13.15 8.34 0.50
N ILE A 170 13.25 9.10 1.58
CA ILE A 170 12.73 10.49 1.65
C ILE A 170 13.73 11.46 0.98
N GLY A 171 13.28 12.24 0.01
CA GLY A 171 14.14 13.24 -0.64
C GLY A 171 13.68 14.65 -0.28
N LYS A 172 14.57 15.62 -0.39
CA LYS A 172 14.22 17.05 -0.36
C LYS A 172 14.15 17.52 -1.81
N VAL A 173 13.09 18.27 -2.13
CA VAL A 173 12.84 18.95 -3.42
C VAL A 173 13.40 20.36 -3.32
N ILE A 174 14.33 20.67 -4.23
CA ILE A 174 15.08 21.95 -4.42
C ILE A 174 14.49 22.68 -5.63
N LEU A 175 13.76 23.79 -5.44
CA LEU A 175 13.23 24.66 -6.54
C LEU A 175 14.39 25.44 -7.17
N LEU A 176 14.66 25.25 -8.47
CA LEU A 176 15.77 25.96 -9.17
C LEU A 176 15.28 27.34 -9.62
N LYS B 2 -9.14 -24.92 12.19
CA LYS B 2 -7.98 -25.56 12.92
C LYS B 2 -6.92 -25.92 11.87
N HIS B 3 -5.84 -25.13 11.79
CA HIS B 3 -4.90 -25.10 10.64
C HIS B 3 -3.49 -24.77 11.14
N THR B 4 -2.49 -24.99 10.29
CA THR B 4 -1.15 -24.36 10.42
C THR B 4 -0.80 -23.68 9.08
N VAL B 5 0.19 -22.78 9.13
CA VAL B 5 0.81 -22.17 7.92
C VAL B 5 2.19 -22.80 7.76
N GLU B 6 2.49 -23.26 6.54
CA GLU B 6 3.86 -23.61 6.11
C GLU B 6 4.33 -22.49 5.19
N VAL B 7 5.63 -22.19 5.21
CA VAL B 7 6.33 -21.35 4.18
C VAL B 7 6.15 -22.05 2.83
N MET B 8 5.77 -21.32 1.80
CA MET B 8 5.62 -21.85 0.42
C MET B 8 6.64 -21.16 -0.47
N ILE B 9 6.65 -19.81 -0.47
CA ILE B 9 7.74 -19.01 -1.11
C ILE B 9 8.36 -18.15 0.00
N PRO B 10 9.66 -18.32 0.34
CA PRO B 10 10.27 -17.49 1.39
C PRO B 10 10.40 -16.01 0.96
N GLU B 11 10.55 -15.11 1.93
CA GLU B 11 10.77 -13.64 1.74
C GLU B 11 11.97 -13.34 0.81
N ALA B 12 13.04 -14.12 0.87
CA ALA B 12 14.26 -13.85 0.06
C ALA B 12 13.98 -14.07 -1.42
N GLU B 13 13.21 -15.09 -1.74
CA GLU B 13 12.85 -15.51 -3.14
C GLU B 13 11.94 -14.47 -3.80
N ILE B 14 10.89 -14.07 -3.07
CA ILE B 14 9.95 -12.96 -3.43
C ILE B 14 10.76 -11.73 -3.84
N LYS B 15 11.67 -11.27 -2.96
CA LYS B 15 12.51 -10.05 -3.15
C LYS B 15 13.35 -10.20 -4.42
N ALA B 16 14.11 -11.29 -4.53
CA ALA B 16 14.85 -11.67 -5.75
C ALA B 16 13.92 -11.64 -6.99
N ARG B 17 12.72 -12.19 -6.85
CA ARG B 17 11.80 -12.24 -8.02
C ARG B 17 11.30 -10.83 -8.36
N ILE B 18 11.03 -9.99 -7.36
CA ILE B 18 10.51 -8.61 -7.58
C ILE B 18 11.59 -7.68 -8.13
N ALA B 19 12.86 -7.82 -7.73
CA ALA B 19 14.00 -7.18 -8.45
C ALA B 19 13.99 -7.56 -9.96
N GLU B 20 13.87 -8.84 -10.33
CA GLU B 20 13.81 -9.28 -11.76
C GLU B 20 12.57 -8.68 -12.45
N LEU B 21 11.37 -8.76 -11.86
CA LEU B 21 10.17 -8.11 -12.48
C LEU B 21 10.49 -6.64 -12.71
N GLY B 22 11.05 -5.97 -11.70
CA GLY B 22 11.46 -4.55 -11.74
C GLY B 22 12.34 -4.25 -12.95
N ARG B 23 13.41 -5.01 -13.16
CA ARG B 23 14.28 -4.76 -14.34
C ARG B 23 13.41 -4.85 -15.60
N GLN B 24 12.58 -5.89 -15.71
CA GLN B 24 11.76 -6.19 -16.91
C GLN B 24 10.75 -5.09 -17.19
N ILE B 25 9.95 -4.71 -16.19
CA ILE B 25 8.99 -3.60 -16.35
C ILE B 25 9.80 -2.37 -16.77
N THR B 26 11.01 -2.20 -16.24
CA THR B 26 11.86 -1.02 -16.58
C THR B 26 12.22 -1.03 -18.06
N GLU B 27 12.75 -2.16 -18.59
CA GLU B 27 13.11 -2.32 -20.03
C GLU B 27 11.86 -2.14 -20.92
N ARG B 28 10.70 -2.66 -20.52
CA ARG B 28 9.52 -2.54 -21.42
C ARG B 28 9.14 -1.06 -21.58
N TYR B 29 9.29 -0.23 -20.57
CA TYR B 29 8.57 1.06 -20.47
C TYR B 29 9.53 2.22 -20.53
N LYS B 30 10.84 2.02 -20.35
CA LYS B 30 11.80 3.15 -20.19
C LYS B 30 11.82 4.05 -21.43
N ASP B 31 11.44 3.56 -22.62
CA ASP B 31 11.57 4.33 -23.88
C ASP B 31 10.22 4.93 -24.32
N SER B 32 9.21 4.99 -23.46
CA SER B 32 7.84 5.46 -23.82
C SER B 32 7.80 6.99 -23.82
N GLY B 33 8.29 7.63 -22.76
CA GLY B 33 8.29 9.09 -22.60
C GLY B 33 6.94 9.62 -22.11
N SER B 34 5.85 8.86 -22.35
CA SER B 34 4.49 9.11 -21.82
C SER B 34 4.45 8.82 -20.32
N ASP B 35 3.47 9.42 -19.63
CA ASP B 35 3.20 9.21 -18.18
C ASP B 35 2.86 7.74 -17.95
N MET B 36 3.32 7.23 -16.81
CA MET B 36 3.10 5.82 -16.45
C MET B 36 2.40 5.80 -15.10
N VAL B 37 1.54 4.81 -14.89
CA VAL B 37 0.91 4.62 -13.56
C VAL B 37 0.75 3.13 -13.31
N LEU B 38 1.14 2.72 -12.12
CA LEU B 38 0.94 1.34 -11.63
C LEU B 38 -0.35 1.42 -10.83
N VAL B 39 -1.22 0.45 -11.05
CA VAL B 39 -2.60 0.48 -10.52
C VAL B 39 -2.80 -0.79 -9.72
N GLY B 40 -2.77 -0.64 -8.39
CA GLY B 40 -3.03 -1.72 -7.44
C GLY B 40 -4.49 -2.02 -7.27
N LEU B 41 -4.83 -3.29 -7.12
CA LEU B 41 -6.17 -3.77 -6.70
C LEU B 41 -6.11 -4.12 -5.22
N LEU B 42 -6.87 -3.38 -4.39
CA LEU B 42 -6.85 -3.45 -2.91
C LEU B 42 -7.89 -4.49 -2.50
N ARG B 43 -7.72 -5.09 -1.32
CA ARG B 43 -6.66 -4.72 -0.41
C ARG B 43 -5.37 -5.49 -0.69
N GLY B 44 -5.46 -6.54 -1.49
CA GLY B 44 -4.48 -7.65 -1.55
C GLY B 44 -3.13 -7.25 -2.13
N SER B 45 -3.08 -6.18 -2.92
CA SER B 45 -1.94 -5.81 -3.79
C SER B 45 -1.06 -4.78 -3.09
N PHE B 46 -1.41 -4.30 -1.89
CA PHE B 46 -0.72 -3.14 -1.26
C PHE B 46 0.77 -3.43 -1.02
N MET B 47 1.08 -4.60 -0.48
CA MET B 47 2.48 -4.99 -0.19
C MET B 47 3.28 -5.20 -1.49
N PHE B 48 2.75 -5.98 -2.46
CA PHE B 48 3.44 -6.25 -3.76
C PHE B 48 3.75 -4.93 -4.44
N MET B 49 2.76 -4.04 -4.51
CA MET B 49 2.91 -2.70 -5.11
C MET B 49 4.02 -1.88 -4.43
N ALA B 50 4.13 -1.91 -3.09
CA ALA B 50 5.13 -1.10 -2.35
C ALA B 50 6.54 -1.56 -2.72
N ASP B 51 6.71 -2.87 -2.85
CA ASP B 51 7.99 -3.55 -3.22
C ASP B 51 8.23 -3.36 -4.72
N LEU B 52 7.21 -3.58 -5.57
CA LEU B 52 7.43 -3.56 -7.04
C LEU B 52 7.74 -2.14 -7.50
N CYS B 53 6.96 -1.16 -7.05
CA CYS B 53 7.10 0.25 -7.47
C CYS B 53 8.51 0.73 -7.12
N ARG B 54 9.13 0.21 -6.04
CA ARG B 54 10.54 0.57 -5.68
C ARG B 54 11.54 -0.10 -6.65
N GLU B 55 11.13 -1.09 -7.46
CA GLU B 55 12.09 -1.77 -8.38
C GLU B 55 11.88 -1.24 -9.81
N VAL B 56 10.91 -0.34 -10.02
CA VAL B 56 10.59 0.19 -11.37
C VAL B 56 11.30 1.53 -11.56
N GLN B 57 12.36 1.53 -12.38
CA GLN B 57 13.33 2.64 -12.56
C GLN B 57 12.83 3.58 -13.66
N VAL B 58 11.54 3.92 -13.60
CA VAL B 58 10.82 4.78 -14.57
C VAL B 58 9.91 5.68 -13.74
N SER B 59 9.91 6.99 -13.96
CA SER B 59 8.98 7.94 -13.30
C SER B 59 7.56 7.44 -13.53
N HIS B 60 6.80 7.19 -12.45
CA HIS B 60 5.38 6.77 -12.51
C HIS B 60 4.58 7.30 -11.33
N GLU B 61 3.28 7.48 -11.55
CA GLU B 61 2.22 7.69 -10.54
C GLU B 61 1.90 6.31 -9.97
N VAL B 62 1.43 6.26 -8.74
CA VAL B 62 0.90 5.03 -8.11
C VAL B 62 -0.53 5.32 -7.73
N ASP B 63 -1.46 4.44 -8.07
CA ASP B 63 -2.89 4.70 -7.79
C ASP B 63 -3.46 3.36 -7.43
N PHE B 64 -4.66 3.38 -6.85
CA PHE B 64 -5.31 2.17 -6.32
C PHE B 64 -6.76 2.13 -6.78
N MET B 65 -7.36 0.94 -6.64
CA MET B 65 -8.69 0.57 -7.14
C MET B 65 -9.19 -0.56 -6.25
N THR B 66 -10.46 -0.58 -5.86
CA THR B 66 -11.11 -1.71 -5.16
C THR B 66 -12.26 -2.20 -6.04
N ALA B 67 -12.14 -3.43 -6.57
CA ALA B 67 -13.18 -4.11 -7.38
C ALA B 67 -13.79 -5.24 -6.56
N SER B 68 -15.06 -5.56 -6.78
CA SER B 68 -15.84 -6.53 -5.94
C SER B 68 -15.37 -7.97 -6.18
N THR B 77 -20.79 -15.47 -9.73
CA THR B 77 -22.17 -15.18 -10.23
C THR B 77 -22.60 -13.79 -9.74
N ARG B 78 -21.72 -12.78 -9.85
CA ARG B 78 -22.01 -11.33 -9.58
C ARG B 78 -21.24 -10.45 -10.56
N ASP B 79 -21.71 -9.21 -10.75
CA ASP B 79 -21.03 -8.18 -11.58
C ASP B 79 -19.75 -7.76 -10.83
N VAL B 80 -18.72 -7.35 -11.56
CA VAL B 80 -17.55 -6.66 -10.96
C VAL B 80 -17.84 -5.16 -10.86
N LYS B 81 -17.90 -4.65 -9.63
CA LYS B 81 -18.32 -3.27 -9.33
C LYS B 81 -17.09 -2.53 -8.80
N ILE B 82 -16.90 -1.28 -9.23
CA ILE B 82 -15.87 -0.33 -8.72
C ILE B 82 -16.30 0.13 -7.34
N LEU B 83 -15.69 -0.37 -6.27
CA LEU B 83 -16.05 0.07 -4.89
C LEU B 83 -15.22 1.31 -4.56
N LYS B 84 -14.08 1.50 -5.23
CA LYS B 84 -13.28 2.77 -5.17
C LYS B 84 -12.53 2.92 -6.50
N ASP B 85 -12.84 3.93 -7.30
CA ASP B 85 -12.13 4.15 -8.58
C ASP B 85 -10.77 4.80 -8.30
N LEU B 86 -9.96 4.92 -9.34
CA LEU B 86 -8.67 5.65 -9.35
C LEU B 86 -8.89 7.12 -8.98
N ASP B 87 -7.82 7.77 -8.51
CA ASP B 87 -7.81 9.22 -8.13
C ASP B 87 -7.36 10.03 -9.34
N GLU B 88 -6.67 9.39 -10.29
CA GLU B 88 -6.10 10.12 -11.43
C GLU B 88 -6.56 9.45 -12.73
N ASP B 89 -6.44 10.23 -13.79
CA ASP B 89 -6.72 9.91 -15.20
C ASP B 89 -5.57 9.07 -15.77
N ILE B 90 -5.95 8.03 -16.52
CA ILE B 90 -5.00 7.12 -17.22
C ILE B 90 -5.04 7.30 -18.74
N ARG B 91 -5.95 8.13 -19.28
CA ARG B 91 -6.02 8.42 -20.74
C ARG B 91 -4.63 8.80 -21.26
N GLY B 92 -4.17 8.18 -22.34
CA GLY B 92 -2.86 8.49 -22.96
C GLY B 92 -1.67 8.06 -22.11
N LYS B 93 -1.87 7.30 -21.03
CA LYS B 93 -0.81 6.87 -20.10
C LYS B 93 -0.55 5.39 -20.30
N ASP B 94 0.70 4.97 -20.10
CA ASP B 94 1.05 3.53 -19.93
C ASP B 94 0.50 3.13 -18.57
N VAL B 95 -0.27 2.07 -18.52
CA VAL B 95 -0.92 1.63 -17.27
C VAL B 95 -0.53 0.19 -17.08
N LEU B 96 0.02 -0.09 -15.91
CA LEU B 96 0.33 -1.44 -15.46
C LEU B 96 -0.54 -1.70 -14.23
N ILE B 97 -1.38 -2.72 -14.30
CA ILE B 97 -2.27 -3.22 -13.23
C ILE B 97 -1.44 -4.18 -12.38
N VAL B 98 -1.37 -3.94 -11.07
CA VAL B 98 -0.56 -4.74 -10.10
C VAL B 98 -1.54 -5.50 -9.22
N GLU B 99 -1.44 -6.84 -9.20
CA GLU B 99 -2.37 -7.76 -8.52
C GLU B 99 -1.56 -8.80 -7.77
N ASP B 100 -1.98 -9.16 -6.56
CA ASP B 100 -1.37 -10.21 -5.70
C ASP B 100 -1.43 -11.56 -6.44
N ILE B 101 -2.60 -11.97 -6.91
CA ILE B 101 -2.77 -13.37 -7.41
C ILE B 101 -3.78 -13.38 -8.53
N ILE B 102 -3.47 -14.09 -9.62
CA ILE B 102 -4.43 -14.41 -10.71
C ILE B 102 -4.80 -15.90 -10.64
N ASP B 103 -6.11 -16.15 -10.65
CA ASP B 103 -6.82 -17.42 -10.28
C ASP B 103 -7.75 -17.80 -11.46
N SER B 104 -9.03 -17.50 -11.32
CA SER B 104 -10.03 -17.68 -12.40
C SER B 104 -9.64 -16.77 -13.56
N GLY B 105 -9.12 -15.58 -13.25
CA GLY B 105 -8.94 -14.48 -14.22
C GLY B 105 -10.19 -13.64 -14.38
N ASN B 106 -11.27 -13.96 -13.65
CA ASN B 106 -12.62 -13.37 -13.86
C ASN B 106 -12.57 -11.86 -13.61
N THR B 107 -12.08 -11.45 -12.44
CA THR B 107 -12.08 -10.06 -11.92
C THR B 107 -11.12 -9.21 -12.76
N LEU B 108 -9.90 -9.68 -12.92
CA LEU B 108 -8.81 -8.92 -13.59
C LEU B 108 -9.20 -8.64 -15.05
N SER B 109 -9.82 -9.62 -15.72
CA SER B 109 -10.32 -9.49 -17.12
C SER B 109 -11.31 -8.32 -17.17
N LYS B 110 -12.25 -8.29 -16.23
CA LYS B 110 -13.27 -7.21 -16.16
C LYS B 110 -12.56 -5.90 -15.86
N VAL B 111 -11.59 -5.91 -14.94
CA VAL B 111 -10.96 -4.62 -14.52
C VAL B 111 -10.22 -4.12 -15.75
N ARG B 112 -9.54 -5.01 -16.43
CA ARG B 112 -8.84 -4.68 -17.71
C ARG B 112 -9.83 -3.97 -18.66
N GLU B 113 -11.01 -4.55 -18.94
CA GLU B 113 -12.03 -3.97 -19.86
C GLU B 113 -12.37 -2.55 -19.42
N ILE B 114 -12.66 -2.39 -18.13
CA ILE B 114 -13.12 -1.10 -17.53
C ILE B 114 -12.10 -0.01 -17.84
N LEU B 115 -10.81 -0.26 -17.57
CA LEU B 115 -9.74 0.77 -17.72
C LEU B 115 -9.48 1.02 -19.22
N SER B 116 -9.66 -0.03 -20.04
CA SER B 116 -9.53 0.03 -21.52
C SER B 116 -10.48 1.09 -22.11
N LEU B 117 -11.72 1.21 -21.64
CA LEU B 117 -12.66 2.30 -22.06
C LEU B 117 -12.02 3.69 -21.92
N ARG B 118 -11.01 3.88 -21.07
CA ARG B 118 -10.52 5.25 -20.78
C ARG B 118 -9.36 5.57 -21.73
N GLU B 119 -8.98 4.57 -22.52
CA GLU B 119 -8.03 4.71 -23.64
C GLU B 119 -6.66 5.10 -23.08
N PRO B 120 -6.03 4.22 -22.27
CA PRO B 120 -4.60 4.40 -21.99
C PRO B 120 -3.84 4.27 -23.31
N LYS B 121 -2.61 4.80 -23.40
CA LYS B 121 -1.67 4.51 -24.51
C LYS B 121 -1.48 2.99 -24.59
N SER B 122 -1.17 2.35 -23.46
CA SER B 122 -0.97 0.88 -23.37
C SER B 122 -1.61 0.42 -22.07
N LEU B 123 -1.91 -0.89 -21.95
CA LEU B 123 -2.53 -1.49 -20.75
C LEU B 123 -1.89 -2.86 -20.60
N ALA B 124 -1.48 -3.22 -19.39
CA ALA B 124 -0.85 -4.52 -19.09
C ALA B 124 -1.06 -4.89 -17.62
N ILE B 125 -0.85 -6.15 -17.30
CA ILE B 125 -1.06 -6.73 -15.97
C ILE B 125 0.30 -7.30 -15.57
N CYS B 126 0.59 -7.19 -14.28
CA CYS B 126 1.69 -7.86 -13.56
C CYS B 126 1.07 -8.40 -12.30
N THR B 127 1.19 -9.69 -12.07
CA THR B 127 0.68 -10.41 -10.89
C THR B 127 1.86 -11.13 -10.22
N LEU B 128 1.85 -11.26 -8.90
CA LEU B 128 2.93 -11.92 -8.13
C LEU B 128 2.75 -13.44 -8.24
N LEU B 129 1.50 -13.87 -8.15
CA LEU B 129 1.06 -15.28 -8.16
C LEU B 129 0.05 -15.44 -9.29
N ASP B 130 0.21 -16.51 -10.06
CA ASP B 130 -0.71 -16.98 -11.11
C ASP B 130 -1.02 -18.43 -10.74
N LYS B 131 -2.29 -18.81 -10.74
CA LYS B 131 -2.76 -20.20 -10.49
C LYS B 131 -3.41 -20.70 -11.78
N PRO B 132 -2.58 -21.06 -12.80
CA PRO B 132 -3.07 -21.31 -14.16
C PRO B 132 -3.93 -22.57 -14.33
N SER B 133 -3.87 -23.53 -13.41
CA SER B 133 -4.84 -24.64 -13.25
C SER B 133 -6.26 -24.13 -12.95
N ARG B 134 -6.41 -22.89 -12.44
CA ARG B 134 -7.66 -22.35 -11.84
C ARG B 134 -8.33 -21.42 -12.88
N ARG B 135 -7.67 -21.18 -14.01
CA ARG B 135 -8.08 -20.19 -15.03
C ARG B 135 -9.40 -20.61 -15.69
N GLU B 136 -10.37 -19.69 -15.76
CA GLU B 136 -11.74 -19.91 -16.27
C GLU B 136 -11.98 -19.07 -17.53
N VAL B 137 -11.12 -18.07 -17.75
CA VAL B 137 -11.23 -16.99 -18.78
C VAL B 137 -9.81 -16.75 -19.27
N ASN B 138 -9.63 -16.40 -20.53
CA ASN B 138 -8.27 -16.30 -21.09
C ASN B 138 -7.85 -14.84 -21.00
N VAL B 139 -7.07 -14.47 -19.98
CA VAL B 139 -6.73 -13.03 -19.71
C VAL B 139 -5.25 -12.81 -19.99
N PRO B 140 -4.90 -11.82 -20.84
CA PRO B 140 -3.51 -11.49 -21.11
C PRO B 140 -2.84 -10.91 -19.85
N VAL B 141 -1.77 -11.60 -19.42
CA VAL B 141 -0.94 -11.30 -18.23
C VAL B 141 0.53 -11.21 -18.67
N GLU B 142 1.12 -10.00 -18.73
CA GLU B 142 2.43 -9.75 -19.40
C GLU B 142 3.62 -9.91 -18.44
N PHE B 143 3.40 -10.02 -17.13
CA PHE B 143 4.49 -10.16 -16.12
C PHE B 143 4.00 -11.02 -14.96
N ILE B 144 4.66 -12.15 -14.70
CA ILE B 144 4.28 -13.06 -13.59
C ILE B 144 5.49 -13.27 -12.69
N GLY B 145 5.26 -13.21 -11.37
CA GLY B 145 6.26 -13.52 -10.32
C GLY B 145 6.55 -15.00 -10.27
N PHE B 146 5.52 -15.81 -10.04
CA PHE B 146 5.58 -17.26 -9.81
C PHE B 146 4.30 -17.87 -10.36
N SER B 147 4.37 -18.88 -11.22
CA SER B 147 3.20 -19.77 -11.48
C SER B 147 3.23 -20.85 -10.40
N ILE B 148 2.13 -21.02 -9.68
CA ILE B 148 2.10 -21.85 -8.45
C ILE B 148 1.04 -22.94 -8.60
N PRO B 149 1.12 -24.05 -7.86
CA PRO B 149 0.04 -25.05 -7.85
C PRO B 149 -1.18 -24.43 -7.17
N ASP B 150 -2.32 -25.13 -7.11
CA ASP B 150 -3.58 -24.52 -6.60
C ASP B 150 -3.56 -24.65 -5.08
N GLU B 151 -2.59 -24.05 -4.40
CA GLU B 151 -2.47 -24.13 -2.92
C GLU B 151 -3.35 -23.05 -2.28
N PHE B 152 -3.68 -23.22 -1.00
CA PHE B 152 -4.37 -22.19 -0.19
C PHE B 152 -3.27 -21.26 0.36
N VAL B 153 -2.98 -20.17 -0.35
CA VAL B 153 -1.84 -19.25 -0.05
C VAL B 153 -2.30 -18.14 0.89
N VAL B 154 -1.39 -17.69 1.75
CA VAL B 154 -1.62 -16.49 2.61
C VAL B 154 -0.29 -15.74 2.70
N GLY B 155 -0.37 -14.51 3.24
CA GLY B 155 0.77 -13.64 3.59
C GLY B 155 1.04 -12.72 2.44
N TYR B 156 1.94 -11.76 2.60
CA TYR B 156 2.32 -10.82 1.52
C TYR B 156 1.04 -10.18 0.94
N GLY B 157 0.12 -9.77 1.84
CA GLY B 157 -1.14 -9.08 1.48
C GLY B 157 -2.32 -10.02 1.33
N ILE B 158 -2.09 -11.33 1.22
CA ILE B 158 -3.21 -12.29 1.02
C ILE B 158 -3.63 -12.84 2.37
N ASP B 159 -4.94 -12.91 2.56
CA ASP B 159 -5.54 -13.18 3.89
C ASP B 159 -6.19 -14.57 3.92
N TYR B 160 -6.38 -15.10 5.12
CA TYR B 160 -7.32 -16.20 5.45
C TYR B 160 -8.28 -15.67 6.52
N ALA B 161 -9.55 -15.50 6.17
CA ALA B 161 -10.59 -14.93 7.04
C ALA B 161 -9.93 -13.80 7.85
N GLN B 162 -9.48 -12.76 7.12
CA GLN B 162 -8.88 -11.47 7.61
C GLN B 162 -7.62 -11.68 8.48
N ARG B 163 -6.83 -12.73 8.20
CA ARG B 163 -5.56 -13.03 8.91
C ARG B 163 -4.37 -13.00 7.93
N TYR B 164 -3.14 -12.83 8.44
CA TYR B 164 -1.84 -13.12 7.77
C TYR B 164 -1.49 -12.18 6.61
N ARG B 165 -2.19 -11.08 6.40
CA ARG B 165 -1.83 -10.13 5.30
C ARG B 165 -0.40 -9.60 5.49
N HIS B 166 0.12 -9.60 6.72
CA HIS B 166 1.38 -8.90 7.13
C HIS B 166 2.60 -9.83 7.12
N LEU B 167 2.38 -11.13 6.98
CA LEU B 167 3.44 -12.16 6.79
C LEU B 167 4.32 -11.69 5.65
N PRO B 168 5.68 -11.71 5.78
CA PRO B 168 6.58 -11.22 4.74
C PRO B 168 7.01 -12.27 3.72
N TYR B 169 6.40 -13.45 3.79
CA TYR B 169 6.57 -14.61 2.86
C TYR B 169 5.18 -15.03 2.44
N ILE B 170 5.07 -15.83 1.38
CA ILE B 170 3.82 -16.55 0.99
C ILE B 170 3.79 -17.84 1.79
N GLY B 171 2.73 -18.05 2.54
CA GLY B 171 2.47 -19.35 3.20
C GLY B 171 1.38 -20.08 2.49
N LYS B 172 1.33 -21.41 2.63
CA LYS B 172 0.12 -22.19 2.27
C LYS B 172 -0.52 -22.60 3.59
N VAL B 173 -1.85 -22.52 3.65
CA VAL B 173 -2.63 -22.96 4.82
C VAL B 173 -2.82 -24.48 4.74
N ILE B 174 -2.73 -25.14 5.89
CA ILE B 174 -2.80 -26.61 6.04
C ILE B 174 -3.86 -26.93 7.11
N LEU B 175 -4.94 -27.58 6.70
CA LEU B 175 -6.07 -28.03 7.57
C LEU B 175 -5.74 -29.40 8.19
MG MG C . -2.72 15.71 8.51
MG MG D . -8.84 -12.97 -10.71
#